data_3NOU
#
_entry.id   3NOU
#
_cell.length_a   154.380
_cell.length_b   162.979
_cell.length_c   436.098
_cell.angle_alpha   90.00
_cell.angle_beta   90.00
_cell.angle_gamma   90.00
#
_symmetry.space_group_name_H-M   'C 2 2 21'
#
loop_
_entity.id
_entity.type
_entity.pdbx_description
1 polymer Bacteriophytochrome
2 non-polymer 'BILIVERDINE IX ALPHA'
#
_entity_poly.entity_id   1
_entity_poly.type   'polypeptide(L)'
_entity_poly.pdbx_seq_one_letter_code
;MTSITPVTLANCEDEPIHVPGAIQPHGALVTLRADGMVLAASENIQALLGFVASPGSYLTQEQVGPEVLRMLEEGLTGNG
PWSNSVETRIGEHLFDVIGHSYKEVFYLEFEIRTADTLSITSFTLNAQRIIAQVQLHNDTASLLSNVTDELRRMTGYDRV
MAYRFRHDDSGEVVAESRREDLESYLGQRYPASDIPAQARRLYIQNPIRLIADVAYTPMRVFPALNPETNESFDLSYSVL
RSVSPIHCEYLTNMGVRASMSISIVVGGKLWGLFSCHHMSPKLIPYPVRMSFQIFSQVCSAIVERLEQGRIAELLRVSTE
RRLALARRARDADDLFGALAHPDDGIAALIPCDGALVMLGGRTLSIRGDFERQAGNVLQRLQRDPERDIYHTDNWPQPSE
DSPDGGDCCGVLAIRFHRQESGWIFWFRHEEVHRIRWGGKPEKLLTIGPSGPRLTPRGSFEAWEEVVRGHSTPWSETDLA
IAEKLRLDLMELCLNHALEHHHHHH
;
_entity_poly.pdbx_strand_id   C
#
loop_
_chem_comp.id
_chem_comp.type
_chem_comp.name
_chem_comp.formula
BLA non-polymer 'BILIVERDINE IX ALPHA' 'C33 H34 N4 O6'
#
# COMPACT_ATOMS: atom_id res chain seq x y z
N ILE A 4 -1.60 -19.63 -22.75
CA ILE A 4 -2.76 -19.29 -23.59
C ILE A 4 -4.00 -19.08 -22.73
N THR A 5 -3.90 -19.44 -21.45
CA THR A 5 -5.05 -19.45 -20.54
C THR A 5 -5.74 -18.09 -20.40
N PRO A 6 -7.08 -18.10 -20.46
CA PRO A 6 -7.87 -16.90 -20.18
C PRO A 6 -7.73 -16.55 -18.71
N VAL A 7 -7.74 -15.25 -18.39
CA VAL A 7 -7.68 -14.83 -17.00
C VAL A 7 -9.07 -14.46 -16.51
N THR A 8 -9.62 -15.31 -15.65
CA THR A 8 -10.96 -15.10 -15.12
C THR A 8 -10.90 -14.67 -13.67
N LEU A 9 -12.07 -14.48 -13.05
CA LEU A 9 -12.12 -14.14 -11.63
C LEU A 9 -11.42 -15.23 -10.81
N ALA A 10 -11.57 -16.48 -11.23
CA ALA A 10 -10.97 -17.61 -10.53
C ALA A 10 -9.45 -17.62 -10.66
N ASN A 11 -8.95 -17.36 -11.86
CA ASN A 11 -7.52 -17.29 -12.10
C ASN A 11 -6.84 -16.10 -11.42
N CYS A 12 -7.49 -14.94 -11.47
CA CYS A 12 -6.81 -13.67 -11.30
C CYS A 12 -5.86 -13.56 -10.10
N GLU A 13 -6.07 -14.38 -9.08
CA GLU A 13 -5.21 -14.33 -7.90
C GLU A 13 -3.78 -14.76 -8.27
N ASP A 14 -3.67 -15.65 -9.26
CA ASP A 14 -2.39 -16.22 -9.65
C ASP A 14 -1.91 -15.76 -11.03
N GLU A 15 -2.35 -14.58 -11.47
CA GLU A 15 -1.95 -14.09 -12.79
C GLU A 15 -0.52 -13.57 -12.79
N PRO A 16 0.29 -14.06 -13.75
CA PRO A 16 1.68 -13.62 -13.94
C PRO A 16 1.69 -12.32 -14.72
N ILE A 17 1.65 -11.22 -13.96
CA ILE A 17 1.44 -9.89 -14.50
C ILE A 17 2.78 -9.23 -14.78
N HIS A 18 3.84 -9.92 -14.38
CA HIS A 18 5.20 -9.42 -14.54
C HIS A 18 5.80 -9.89 -15.86
N VAL A 19 5.21 -10.93 -16.44
CA VAL A 19 5.70 -11.47 -17.70
C VAL A 19 4.62 -11.48 -18.78
N PRO A 20 4.03 -10.30 -19.05
CA PRO A 20 2.92 -10.21 -20.01
C PRO A 20 3.41 -10.30 -21.45
N GLY A 21 4.70 -10.04 -21.66
CA GLY A 21 5.27 -10.12 -22.99
C GLY A 21 4.69 -9.09 -23.93
N ALA A 22 4.08 -8.05 -23.35
CA ALA A 22 3.56 -6.93 -24.14
C ALA A 22 3.88 -5.63 -23.41
N ILE A 23 3.79 -4.51 -24.11
CA ILE A 23 4.05 -3.22 -23.48
C ILE A 23 3.03 -2.18 -23.90
N GLN A 24 2.88 -1.14 -23.09
CA GLN A 24 1.98 -0.03 -23.41
C GLN A 24 2.50 0.74 -24.62
N PRO A 25 1.58 1.32 -25.39
CA PRO A 25 1.86 1.93 -26.70
C PRO A 25 2.58 3.29 -26.67
N HIS A 26 2.72 3.94 -25.51
CA HIS A 26 3.32 5.26 -25.50
C HIS A 26 4.84 5.22 -25.57
N GLY A 27 5.39 4.03 -25.79
CA GLY A 27 6.82 3.86 -25.94
C GLY A 27 7.16 2.55 -26.62
N ALA A 28 8.42 2.41 -27.00
CA ALA A 28 8.90 1.19 -27.62
C ALA A 28 9.88 0.53 -26.66
N LEU A 29 10.10 -0.76 -26.84
CA LEU A 29 11.01 -1.49 -25.96
C LEU A 29 11.90 -2.42 -26.77
N VAL A 30 13.19 -2.44 -26.41
CA VAL A 30 14.15 -3.36 -27.00
C VAL A 30 14.84 -4.13 -25.88
N THR A 31 14.86 -5.45 -25.97
CA THR A 31 15.52 -6.25 -24.94
C THR A 31 16.82 -6.86 -25.50
N LEU A 32 17.90 -6.69 -24.74
CA LEU A 32 19.21 -7.16 -25.15
C LEU A 32 19.68 -8.21 -24.16
N ARG A 33 20.66 -9.02 -24.55
CA ARG A 33 21.28 -9.94 -23.59
C ARG A 33 22.62 -9.38 -23.13
N ALA A 34 23.32 -10.14 -22.29
CA ALA A 34 24.56 -9.68 -21.67
C ALA A 34 25.56 -9.04 -22.66
N ASP A 35 25.82 -9.71 -23.78
CA ASP A 35 26.82 -9.22 -24.73
C ASP A 35 26.34 -8.02 -25.56
N GLY A 36 25.09 -7.61 -25.33
CA GLY A 36 24.52 -6.48 -26.04
C GLY A 36 23.75 -6.89 -27.28
N MET A 37 23.65 -8.21 -27.51
CA MET A 37 22.93 -8.73 -28.66
C MET A 37 21.43 -8.65 -28.44
N VAL A 38 20.71 -8.20 -29.47
CA VAL A 38 19.26 -8.04 -29.40
C VAL A 38 18.55 -9.39 -29.28
N LEU A 39 17.62 -9.48 -28.33
CA LEU A 39 16.86 -10.72 -28.11
C LEU A 39 15.40 -10.60 -28.51
N ALA A 40 14.85 -9.39 -28.36
CA ALA A 40 13.44 -9.16 -28.65
C ALA A 40 13.13 -7.67 -28.70
N ALA A 41 11.97 -7.33 -29.27
CA ALA A 41 11.55 -5.95 -29.36
C ALA A 41 10.03 -5.83 -29.45
N SER A 42 9.48 -4.71 -28.98
CA SER A 42 8.06 -4.45 -29.13
C SER A 42 7.76 -4.28 -30.62
N GLU A 43 6.60 -4.75 -31.05
CA GLU A 43 6.25 -4.72 -32.46
C GLU A 43 6.16 -3.31 -33.04
N ASN A 44 6.41 -2.30 -32.22
CA ASN A 44 6.27 -0.92 -32.69
C ASN A 44 7.57 -0.12 -32.75
N ILE A 45 8.70 -0.79 -32.53
CA ILE A 45 10.00 -0.13 -32.65
C ILE A 45 10.15 0.60 -33.99
N GLN A 46 9.79 -0.07 -35.09
CA GLN A 46 9.94 0.51 -36.42
C GLN A 46 9.05 1.73 -36.58
N ALA A 47 7.82 1.63 -36.11
CA ALA A 47 6.84 2.69 -36.28
C ALA A 47 7.18 3.91 -35.44
N LEU A 48 7.93 3.73 -34.36
CA LEU A 48 8.22 4.83 -33.44
C LEU A 48 9.64 5.36 -33.66
N LEU A 49 10.61 4.44 -33.63
CA LEU A 49 11.98 4.74 -34.01
C LEU A 49 12.11 4.30 -35.46
N GLY A 50 12.94 4.99 -36.23
CA GLY A 50 13.00 4.74 -37.67
C GLY A 50 13.48 3.37 -38.13
N PHE A 51 13.87 2.49 -37.22
CA PHE A 51 14.54 1.25 -37.61
C PHE A 51 13.89 -0.03 -37.11
N VAL A 52 14.25 -1.15 -37.74
CA VAL A 52 13.78 -2.47 -37.32
C VAL A 52 14.85 -3.20 -36.52
N ALA A 53 14.69 -3.22 -35.20
CA ALA A 53 15.57 -4.03 -34.37
C ALA A 53 15.24 -5.49 -34.65
N SER A 54 16.27 -6.32 -34.78
CA SER A 54 16.08 -7.72 -35.12
C SER A 54 16.93 -8.63 -34.26
N PRO A 55 16.33 -9.70 -33.73
CA PRO A 55 17.10 -10.62 -32.90
C PRO A 55 18.35 -11.07 -33.64
N GLY A 56 19.45 -11.27 -32.92
CA GLY A 56 20.71 -11.64 -33.53
C GLY A 56 21.51 -10.42 -33.96
N SER A 57 20.82 -9.29 -34.10
CA SER A 57 21.47 -8.04 -34.46
C SER A 57 22.13 -7.39 -33.24
N TYR A 58 23.03 -6.45 -33.50
CA TYR A 58 23.57 -5.58 -32.46
C TYR A 58 23.16 -4.15 -32.82
N LEU A 59 22.85 -3.34 -31.83
CA LEU A 59 22.43 -1.97 -32.10
C LEU A 59 23.56 -1.15 -32.71
N THR A 60 23.22 -0.25 -33.63
CA THR A 60 24.23 0.52 -34.35
C THR A 60 23.99 2.02 -34.22
N GLN A 61 25.06 2.79 -34.35
CA GLN A 61 24.99 4.23 -34.15
C GLN A 61 24.09 4.90 -35.18
N GLU A 62 23.39 5.92 -34.73
CA GLU A 62 22.31 6.53 -35.51
C GLU A 62 21.49 5.54 -36.33
N GLN A 63 21.20 4.41 -35.72
CA GLN A 63 19.88 3.80 -35.86
C GLN A 63 19.34 4.01 -34.44
N VAL A 64 20.27 4.23 -33.51
CA VAL A 64 19.93 4.54 -32.13
C VAL A 64 20.76 5.70 -31.54
N GLY A 65 21.75 6.18 -32.29
CA GLY A 65 22.60 7.28 -31.85
C GLY A 65 23.76 6.85 -30.98
N PRO A 66 24.73 7.76 -30.77
CA PRO A 66 25.94 7.44 -29.99
C PRO A 66 25.75 7.36 -28.47
N GLU A 67 25.30 8.44 -27.83
CA GLU A 67 25.22 8.47 -26.36
C GLU A 67 24.46 7.27 -25.81
N VAL A 68 23.53 6.77 -26.61
CA VAL A 68 22.72 5.63 -26.22
C VAL A 68 23.56 4.37 -26.06
N LEU A 69 24.39 4.08 -27.06
CA LEU A 69 25.31 2.95 -27.02
C LEU A 69 26.35 3.22 -25.95
N ARG A 70 26.70 4.50 -25.81
CA ARG A 70 27.65 4.94 -24.80
C ARG A 70 27.14 4.53 -23.43
N MET A 71 25.88 4.88 -23.16
CA MET A 71 25.22 4.48 -21.92
C MET A 71 25.17 2.97 -21.80
N LEU A 72 24.70 2.33 -22.85
CA LEU A 72 24.49 0.89 -22.85
C LEU A 72 25.76 0.11 -22.52
N GLU A 73 26.89 0.54 -23.08
CA GLU A 73 28.16 -0.13 -22.87
C GLU A 73 28.58 -0.08 -21.40
N GLU A 74 28.28 1.04 -20.75
CA GLU A 74 28.60 1.20 -19.34
C GLU A 74 27.88 0.15 -18.51
N GLY A 75 26.58 0.02 -18.72
CA GLY A 75 25.77 -0.93 -17.98
C GLY A 75 26.04 -2.36 -18.40
N LEU A 76 26.41 -2.54 -19.67
CA LEU A 76 26.75 -3.86 -20.19
C LEU A 76 27.95 -4.44 -19.48
N THR A 77 28.83 -3.57 -18.99
CA THR A 77 30.07 -4.02 -18.36
C THR A 77 30.09 -3.80 -16.85
N GLY A 78 28.92 -3.55 -16.27
CA GLY A 78 28.81 -3.36 -14.84
C GLY A 78 28.07 -4.49 -14.13
N ASN A 79 28.66 -5.02 -13.07
CA ASN A 79 28.01 -6.03 -12.25
C ASN A 79 27.00 -5.39 -11.30
N GLY A 80 25.85 -6.02 -11.14
CA GLY A 80 24.81 -5.49 -10.30
C GLY A 80 23.87 -4.57 -11.05
N PRO A 81 22.55 -4.72 -10.83
CA PRO A 81 21.48 -4.04 -11.55
C PRO A 81 21.84 -2.64 -11.99
N TRP A 82 22.24 -2.53 -13.25
CA TRP A 82 22.47 -1.25 -13.88
C TRP A 82 21.14 -0.51 -14.01
N SER A 83 21.20 0.81 -13.96
CA SER A 83 20.02 1.63 -14.18
C SER A 83 20.43 3.04 -14.59
N ASN A 84 19.92 3.49 -15.73
CA ASN A 84 20.28 4.81 -16.24
C ASN A 84 19.31 5.31 -17.30
N SER A 85 19.41 6.60 -17.62
CA SER A 85 18.61 7.18 -18.68
C SER A 85 19.43 8.20 -19.45
N VAL A 86 19.15 8.32 -20.73
CA VAL A 86 19.77 9.33 -21.57
C VAL A 86 18.68 10.06 -22.33
N GLU A 87 18.92 11.32 -22.66
CA GLU A 87 18.05 12.04 -23.58
C GLU A 87 18.79 12.21 -24.90
N THR A 88 18.13 11.89 -26.01
CA THR A 88 18.80 11.84 -27.31
C THR A 88 17.84 12.01 -28.47
N ARG A 89 18.36 12.48 -29.60
CA ARG A 89 17.54 12.63 -30.79
C ARG A 89 17.73 11.44 -31.73
N ILE A 90 16.62 10.84 -32.13
CA ILE A 90 16.64 9.70 -33.03
C ILE A 90 15.70 9.98 -34.20
N GLY A 91 16.26 10.49 -35.29
CA GLY A 91 15.46 10.88 -36.42
C GLY A 91 14.76 12.20 -36.18
N GLU A 92 13.43 12.18 -36.26
CA GLU A 92 12.63 13.40 -36.21
C GLU A 92 12.46 13.96 -34.81
N HIS A 93 12.53 13.09 -33.81
CA HIS A 93 12.17 13.48 -32.45
C HIS A 93 13.30 13.28 -31.46
N LEU A 94 13.19 13.94 -30.31
CA LEU A 94 14.07 13.64 -29.19
C LEU A 94 13.34 12.68 -28.25
N PHE A 95 14.11 11.81 -27.60
CA PHE A 95 13.56 10.72 -26.81
C PHE A 95 14.14 10.66 -25.42
N ASP A 96 13.36 10.13 -24.49
CA ASP A 96 13.91 9.65 -23.24
C ASP A 96 14.21 8.18 -23.44
N VAL A 97 15.46 7.81 -23.20
CA VAL A 97 15.87 6.44 -23.38
C VAL A 97 16.22 5.87 -22.02
N ILE A 98 15.20 5.51 -21.25
CA ILE A 98 15.44 4.94 -19.94
C ILE A 98 15.81 3.47 -20.12
N GLY A 99 16.91 3.06 -19.48
CA GLY A 99 17.39 1.71 -19.61
C GLY A 99 17.74 1.07 -18.27
N HIS A 100 17.52 -0.24 -18.17
CA HIS A 100 17.79 -0.95 -16.94
C HIS A 100 18.07 -2.42 -17.24
N SER A 101 18.61 -3.12 -16.26
CA SER A 101 18.94 -4.53 -16.39
C SER A 101 18.34 -5.32 -15.24
N TYR A 102 17.43 -6.24 -15.55
CA TYR A 102 16.87 -7.11 -14.54
C TYR A 102 17.11 -8.55 -14.98
N LYS A 103 17.33 -9.43 -14.01
CA LYS A 103 17.87 -10.76 -14.28
C LYS A 103 19.23 -10.56 -14.90
N GLU A 104 19.41 -11.08 -16.11
CA GLU A 104 20.63 -10.82 -16.87
C GLU A 104 20.27 -10.30 -18.25
N VAL A 105 19.03 -9.85 -18.39
CA VAL A 105 18.55 -9.27 -19.63
C VAL A 105 18.53 -7.75 -19.50
N PHE A 106 19.04 -7.06 -20.52
CA PHE A 106 19.07 -5.60 -20.51
C PHE A 106 17.90 -5.03 -21.30
N TYR A 107 17.29 -3.98 -20.77
CA TYR A 107 16.14 -3.37 -21.41
C TYR A 107 16.37 -1.91 -21.74
N LEU A 108 16.01 -1.52 -22.97
CA LEU A 108 16.02 -0.12 -23.36
C LEU A 108 14.60 0.31 -23.70
N GLU A 109 14.12 1.35 -23.01
CA GLU A 109 12.77 1.85 -23.23
C GLU A 109 12.78 3.26 -23.82
N PHE A 110 11.91 3.47 -24.81
CA PHE A 110 11.95 4.69 -25.61
C PHE A 110 10.62 5.42 -25.56
N GLU A 111 10.64 6.63 -24.99
CA GLU A 111 9.46 7.47 -24.91
C GLU A 111 9.69 8.75 -25.68
N ILE A 112 8.70 9.19 -26.45
CA ILE A 112 8.79 10.48 -27.12
C ILE A 112 8.78 11.63 -26.11
N ARG A 113 9.77 12.50 -26.22
CA ARG A 113 9.89 13.66 -25.34
C ARG A 113 9.37 14.92 -26.02
N THR A 114 8.30 15.49 -25.48
CA THR A 114 7.72 16.70 -26.08
C THR A 114 8.04 17.94 -25.26
N ALA A 115 8.60 17.74 -24.07
CA ALA A 115 8.89 18.84 -23.15
C ALA A 115 9.92 19.83 -23.71
N ASP A 116 9.67 21.11 -23.49
CA ASP A 116 10.55 22.17 -23.96
C ASP A 116 11.57 22.52 -22.86
N THR A 117 11.43 21.87 -21.71
CA THR A 117 12.28 22.17 -20.55
C THR A 117 13.53 21.32 -20.49
N LEU A 118 14.55 21.83 -19.81
CA LEU A 118 15.74 21.04 -19.52
C LEU A 118 15.38 20.02 -18.44
N SER A 119 15.81 18.78 -18.64
CA SER A 119 15.39 17.67 -17.76
C SER A 119 15.84 17.86 -16.32
N ILE A 120 17.09 18.26 -16.12
CA ILE A 120 17.66 18.40 -14.79
C ILE A 120 16.82 19.37 -13.95
N THR A 121 16.51 20.53 -14.53
CA THR A 121 15.74 21.54 -13.82
C THR A 121 14.27 21.16 -13.65
N SER A 122 13.71 20.44 -14.62
CA SER A 122 12.34 19.94 -14.53
C SER A 122 12.25 18.95 -13.38
N PHE A 123 13.29 18.12 -13.26
CA PHE A 123 13.41 17.15 -12.19
C PHE A 123 13.56 17.85 -10.83
N THR A 124 14.51 18.76 -10.76
CA THR A 124 14.79 19.46 -9.51
C THR A 124 13.59 20.28 -9.05
N LEU A 125 12.97 21.00 -9.99
CA LEU A 125 11.86 21.90 -9.68
C LEU A 125 10.72 21.15 -8.99
N ASN A 126 10.33 20.01 -9.57
CA ASN A 126 9.23 19.21 -9.03
C ASN A 126 9.56 18.47 -7.74
N ALA A 127 10.81 18.06 -7.59
CA ALA A 127 11.23 17.40 -6.37
C ALA A 127 11.10 18.35 -5.17
N GLN A 128 11.57 19.59 -5.32
CA GLN A 128 11.49 20.60 -4.27
C GLN A 128 10.05 20.78 -3.86
N ARG A 129 9.18 20.94 -4.86
CA ARG A 129 7.79 21.27 -4.66
C ARG A 129 7.05 20.17 -3.89
N ILE A 130 7.30 18.91 -4.27
CA ILE A 130 6.52 17.81 -3.73
C ILE A 130 7.06 17.23 -2.43
N ILE A 131 8.26 17.62 -2.02
CA ILE A 131 8.79 17.12 -0.74
C ILE A 131 8.82 18.20 0.33
N ALA A 132 8.46 19.43 -0.04
CA ALA A 132 8.26 20.48 0.94
C ALA A 132 7.06 20.07 1.77
N GLN A 133 6.15 19.32 1.16
CA GLN A 133 4.94 18.85 1.80
C GLN A 133 5.25 17.86 2.91
N VAL A 134 6.49 17.38 2.94
CA VAL A 134 6.89 16.36 3.89
C VAL A 134 7.61 16.96 5.10
N GLN A 135 7.88 18.27 5.02
CA GLN A 135 8.56 18.97 6.10
C GLN A 135 7.58 19.79 6.93
N LEU A 136 6.35 19.89 6.45
CA LEU A 136 5.38 20.83 7.01
C LEU A 136 4.42 20.21 8.01
N HIS A 137 4.47 18.89 8.18
CA HIS A 137 3.43 18.21 8.94
C HIS A 137 3.94 17.20 9.97
N ASN A 138 3.34 17.24 11.16
CA ASN A 138 3.64 16.30 12.24
C ASN A 138 2.61 15.19 12.32
N ASP A 139 1.36 15.54 12.00
CA ASP A 139 0.31 14.55 11.92
C ASP A 139 0.59 13.66 10.71
N THR A 140 0.70 12.36 10.95
CA THR A 140 0.91 11.41 9.86
C THR A 140 -0.23 11.48 8.84
N ALA A 141 -1.41 11.88 9.31
CA ALA A 141 -2.60 11.96 8.46
C ALA A 141 -2.66 13.29 7.70
N SER A 142 -2.05 14.33 8.26
CA SER A 142 -1.97 15.61 7.56
C SER A 142 -1.05 15.43 6.37
N LEU A 143 0.05 14.73 6.58
CA LEU A 143 1.00 14.42 5.52
C LEU A 143 0.21 13.86 4.33
N LEU A 144 -0.37 12.69 4.50
CA LEU A 144 -1.16 12.05 3.45
C LEU A 144 -2.17 13.01 2.84
N SER A 145 -2.96 13.64 3.70
CA SER A 145 -4.00 14.56 3.26
C SER A 145 -3.43 15.67 2.37
N ASN A 146 -2.33 16.27 2.81
CA ASN A 146 -1.77 17.42 2.11
C ASN A 146 -1.08 17.09 0.78
N VAL A 147 -0.31 16.01 0.75
CA VAL A 147 0.38 15.61 -0.47
C VAL A 147 -0.64 15.14 -1.51
N THR A 148 -1.76 14.60 -1.05
CA THR A 148 -2.86 14.22 -1.94
C THR A 148 -3.39 15.44 -2.66
N ASP A 149 -3.65 16.50 -1.89
CA ASP A 149 -4.10 17.76 -2.46
C ASP A 149 -3.05 18.38 -3.37
N GLU A 150 -1.77 18.22 -3.01
CA GLU A 150 -0.69 18.83 -3.76
C GLU A 150 -0.39 18.08 -5.06
N LEU A 151 -0.38 16.75 -4.99
CA LEU A 151 -0.17 15.94 -6.18
C LEU A 151 -1.15 16.34 -7.27
N ARG A 152 -2.39 16.62 -6.89
CA ARG A 152 -3.40 17.03 -7.86
C ARG A 152 -3.08 18.40 -8.46
N ARG A 153 -2.67 19.33 -7.60
CA ARG A 153 -2.28 20.65 -8.06
C ARG A 153 -1.16 20.57 -9.11
N MET A 154 -0.17 19.72 -8.83
CA MET A 154 1.00 19.60 -9.68
C MET A 154 0.71 18.90 -11.02
N THR A 155 -0.04 17.81 -10.96
CA THR A 155 -0.19 16.94 -12.12
C THR A 155 -1.43 17.22 -12.94
N GLY A 156 -2.46 17.77 -12.30
CA GLY A 156 -3.69 18.09 -13.00
C GLY A 156 -4.63 16.90 -13.10
N TYR A 157 -4.26 15.81 -12.44
CA TYR A 157 -5.10 14.62 -12.42
C TYR A 157 -6.51 14.94 -11.90
N ASP A 158 -7.51 14.24 -12.43
CA ASP A 158 -8.89 14.47 -12.05
C ASP A 158 -9.15 14.04 -10.62
N ARG A 159 -8.52 12.92 -10.22
CA ARG A 159 -8.70 12.41 -8.88
C ARG A 159 -7.40 11.79 -8.38
N VAL A 160 -6.95 12.22 -7.21
CA VAL A 160 -5.85 11.54 -6.55
C VAL A 160 -6.28 11.11 -5.15
N MET A 161 -5.94 9.88 -4.79
CA MET A 161 -6.34 9.30 -3.53
C MET A 161 -5.14 8.77 -2.77
N ALA A 162 -5.24 8.76 -1.44
CA ALA A 162 -4.21 8.16 -0.60
C ALA A 162 -4.77 6.93 0.08
N TYR A 163 -4.15 5.81 -0.06
CA TYR A 163 -4.60 4.53 0.46
C TYR A 163 -3.72 4.10 1.61
N ARG A 164 -4.34 3.71 2.70
CA ARG A 164 -3.61 3.10 3.79
C ARG A 164 -3.86 1.61 3.72
N PHE A 165 -2.85 0.83 4.06
CA PHE A 165 -3.04 -0.61 4.09
C PHE A 165 -2.98 -1.14 5.51
N ARG A 166 -4.01 -1.90 5.86
CA ARG A 166 -4.16 -2.47 7.18
C ARG A 166 -3.17 -3.60 7.39
N HIS A 167 -3.36 -4.33 8.48
CA HIS A 167 -2.49 -5.45 8.82
C HIS A 167 -2.77 -6.63 7.90
N ASP A 168 -4.05 -6.77 7.52
CA ASP A 168 -4.48 -7.84 6.63
C ASP A 168 -4.45 -7.36 5.19
N ASP A 169 -3.67 -6.30 4.94
CA ASP A 169 -3.48 -5.77 3.60
C ASP A 169 -4.76 -5.30 2.91
N SER A 170 -5.81 -5.05 3.69
CA SER A 170 -7.01 -4.40 3.15
C SER A 170 -6.73 -2.91 3.10
N GLY A 171 -7.37 -2.23 2.16
CA GLY A 171 -7.07 -0.84 1.93
C GLY A 171 -8.16 0.09 2.41
N GLU A 172 -7.79 1.32 2.73
CA GLU A 172 -8.77 2.31 3.12
C GLU A 172 -8.39 3.65 2.52
N VAL A 173 -9.33 4.25 1.79
CA VAL A 173 -9.10 5.56 1.22
C VAL A 173 -9.15 6.60 2.32
N VAL A 174 -8.00 7.13 2.71
CA VAL A 174 -7.93 8.03 3.85
C VAL A 174 -7.82 9.50 3.47
N ALA A 175 -7.64 9.79 2.18
CA ALA A 175 -7.61 11.17 1.72
C ALA A 175 -8.05 11.26 0.26
N GLU A 176 -8.43 12.46 -0.17
CA GLU A 176 -8.93 12.61 -1.51
C GLU A 176 -8.97 14.06 -1.99
N SER A 177 -8.53 14.27 -3.22
CA SER A 177 -8.68 15.55 -3.90
C SER A 177 -9.17 15.25 -5.32
N ARG A 178 -10.37 15.71 -5.65
CA ARG A 178 -11.04 15.32 -6.88
C ARG A 178 -11.82 16.47 -7.49
N ARG A 179 -11.98 16.41 -8.81
CA ARG A 179 -12.80 17.38 -9.55
C ARG A 179 -14.28 17.25 -9.15
N GLU A 180 -14.94 18.40 -8.94
CA GLU A 180 -16.32 18.45 -8.44
C GLU A 180 -17.22 17.31 -8.90
N ASP A 181 -17.46 17.25 -10.20
CA ASP A 181 -18.35 16.29 -10.83
C ASP A 181 -18.33 14.91 -10.18
N LEU A 182 -17.13 14.43 -9.85
CA LEU A 182 -16.92 13.02 -9.52
C LEU A 182 -17.40 12.61 -8.14
N GLU A 183 -18.00 11.42 -8.06
CA GLU A 183 -18.42 10.86 -6.79
C GLU A 183 -17.19 10.64 -5.90
N SER A 184 -17.37 10.67 -4.59
CA SER A 184 -16.25 10.48 -3.68
C SER A 184 -16.10 9.04 -3.23
N TYR A 185 -14.86 8.61 -3.02
CA TYR A 185 -14.58 7.27 -2.51
C TYR A 185 -13.93 7.37 -1.14
N LEU A 186 -14.08 8.52 -0.48
CA LEU A 186 -13.52 8.71 0.85
C LEU A 186 -14.08 7.67 1.81
N GLY A 187 -13.18 6.97 2.51
CA GLY A 187 -13.58 6.00 3.49
C GLY A 187 -13.90 4.64 2.90
N GLN A 188 -13.68 4.52 1.59
CA GLN A 188 -13.82 3.24 0.91
C GLN A 188 -12.91 2.22 1.56
N ARG A 189 -13.10 1.32 1.98
CA ARG A 189 -12.26 0.23 2.45
C ARG A 189 -12.30 -0.89 1.42
N TYR A 190 -11.22 -1.51 1.16
CA TYR A 190 -11.07 -2.56 0.15
C TYR A 190 -10.19 -3.68 0.68
N PRO A 191 -10.35 -4.89 0.28
CA PRO A 191 -9.62 -6.04 0.79
C PRO A 191 -8.20 -6.14 0.26
N ALA A 192 -7.45 -7.10 0.78
CA ALA A 192 -6.08 -7.32 0.35
C ALA A 192 -6.07 -7.93 -1.05
N SER A 193 -7.19 -8.53 -1.42
CA SER A 193 -7.32 -9.22 -2.70
C SER A 193 -7.47 -8.24 -3.86
N ASP A 194 -7.83 -6.99 -3.56
CA ASP A 194 -8.09 -5.98 -4.58
C ASP A 194 -6.78 -5.63 -5.25
N ILE A 195 -5.73 -6.24 -4.71
CA ILE A 195 -4.35 -6.07 -5.18
C ILE A 195 -3.59 -7.36 -4.88
N PRO A 196 -3.63 -8.30 -5.82
CA PRO A 196 -3.10 -9.65 -5.57
C PRO A 196 -1.58 -9.65 -5.42
N ALA A 197 -1.06 -10.75 -4.89
CA ALA A 197 0.36 -10.87 -4.56
C ALA A 197 1.29 -10.15 -5.54
N GLN A 198 1.25 -10.57 -6.80
CA GLN A 198 2.21 -10.08 -7.78
C GLN A 198 2.12 -8.56 -7.97
N ALA A 199 0.90 -8.05 -8.06
CA ALA A 199 0.70 -6.61 -8.17
C ALA A 199 1.30 -5.89 -6.96
N ARG A 200 1.05 -6.42 -5.77
CA ARG A 200 1.58 -5.83 -4.54
C ARG A 200 3.10 -5.91 -4.49
N ARG A 201 3.65 -7.07 -4.86
CA ARG A 201 5.10 -7.22 -4.95
C ARG A 201 5.70 -6.11 -5.84
N LEU A 202 4.99 -5.78 -6.90
CA LEU A 202 5.48 -4.80 -7.88
C LEU A 202 5.41 -3.35 -7.40
N TYR A 203 4.34 -2.99 -6.71
CA TYR A 203 4.24 -1.63 -6.16
C TYR A 203 5.37 -1.40 -5.16
N ILE A 204 5.78 -2.47 -4.49
CA ILE A 204 6.84 -2.40 -3.50
C ILE A 204 8.19 -2.22 -4.19
N GLN A 205 8.38 -2.94 -5.29
CA GLN A 205 9.64 -2.88 -6.04
C GLN A 205 9.72 -1.64 -6.92
N ASN A 206 8.56 -1.07 -7.27
CA ASN A 206 8.50 0.06 -8.19
C ASN A 206 7.70 1.24 -7.64
N PRO A 207 8.40 2.29 -7.22
CA PRO A 207 7.79 3.52 -6.70
C PRO A 207 6.66 4.00 -7.61
N ILE A 208 6.92 4.02 -8.91
CA ILE A 208 5.95 4.54 -9.87
C ILE A 208 5.37 3.46 -10.78
N ARG A 209 4.06 3.51 -10.98
CA ARG A 209 3.42 2.79 -12.08
C ARG A 209 2.59 3.80 -12.86
N LEU A 210 2.67 3.72 -14.18
CA LEU A 210 1.96 4.64 -15.04
C LEU A 210 1.14 3.85 -16.05
N ILE A 211 -0.13 4.20 -16.18
CA ILE A 211 -0.97 3.67 -17.24
C ILE A 211 -1.51 4.84 -18.03
N ALA A 212 -0.93 5.06 -19.20
CA ALA A 212 -1.24 6.23 -20.02
C ALA A 212 -2.66 6.20 -20.56
N ASP A 213 -3.14 5.02 -20.92
CA ASP A 213 -4.47 4.87 -21.51
C ASP A 213 -5.01 3.46 -21.29
N VAL A 214 -5.98 3.34 -20.41
CA VAL A 214 -6.58 2.04 -20.04
C VAL A 214 -7.20 1.32 -21.25
N ALA A 215 -7.76 2.08 -22.17
CA ALA A 215 -8.45 1.51 -23.32
C ALA A 215 -7.49 1.08 -24.44
N TYR A 216 -6.19 1.12 -24.16
CA TYR A 216 -5.16 0.83 -25.15
C TYR A 216 -5.15 -0.60 -25.69
N THR A 217 -4.65 -0.77 -26.91
CA THR A 217 -4.32 -2.09 -27.44
C THR A 217 -2.83 -2.33 -27.25
N PRO A 218 -2.47 -3.41 -26.54
CA PRO A 218 -1.08 -3.63 -26.17
C PRO A 218 -0.18 -3.81 -27.39
N MET A 219 1.09 -3.48 -27.21
CA MET A 219 2.08 -3.67 -28.26
C MET A 219 2.94 -4.85 -27.87
N ARG A 220 2.75 -5.97 -28.55
CA ARG A 220 3.41 -7.22 -28.19
C ARG A 220 4.90 -7.17 -28.45
N VAL A 221 5.69 -7.72 -27.54
CA VAL A 221 7.12 -7.90 -27.79
C VAL A 221 7.36 -9.28 -28.38
N PHE A 222 8.05 -9.30 -29.52
CA PHE A 222 8.39 -10.55 -30.19
C PHE A 222 9.90 -10.76 -30.18
N PRO A 223 10.34 -11.99 -29.91
CA PRO A 223 9.48 -13.15 -29.64
C PRO A 223 9.00 -13.20 -28.19
N ALA A 224 7.98 -14.02 -27.93
CA ALA A 224 7.37 -14.11 -26.60
C ALA A 224 8.34 -14.68 -25.58
N LEU A 225 9.11 -15.69 -25.99
CA LEU A 225 10.03 -16.35 -25.08
C LEU A 225 11.49 -15.97 -25.37
N ASN A 226 12.26 -15.79 -24.31
CA ASN A 226 13.69 -15.55 -24.44
C ASN A 226 14.42 -16.83 -24.83
N PRO A 227 14.97 -16.87 -26.05
CA PRO A 227 15.60 -18.08 -26.58
C PRO A 227 16.57 -18.70 -25.57
N GLU A 228 17.20 -17.86 -24.77
CA GLU A 228 18.18 -18.32 -23.79
C GLU A 228 17.59 -19.27 -22.78
N THR A 229 16.36 -18.99 -22.35
CA THR A 229 15.74 -19.71 -21.25
C THR A 229 14.51 -20.51 -21.67
N ASN A 230 13.95 -20.16 -22.81
CA ASN A 230 12.69 -20.75 -23.25
C ASN A 230 11.57 -20.39 -22.26
N GLU A 231 11.78 -19.31 -21.52
CA GLU A 231 10.78 -18.79 -20.58
C GLU A 231 10.64 -17.28 -20.74
N SER A 232 9.53 -16.73 -20.27
CA SER A 232 9.15 -15.37 -20.64
C SER A 232 10.08 -14.28 -20.09
N PHE A 233 9.97 -13.08 -20.64
CA PHE A 233 10.79 -11.96 -20.22
C PHE A 233 10.19 -11.32 -18.97
N ASP A 234 10.99 -11.20 -17.93
CA ASP A 234 10.53 -10.62 -16.68
C ASP A 234 10.61 -9.10 -16.71
N LEU A 235 9.48 -8.47 -17.04
CA LEU A 235 9.40 -7.02 -17.18
C LEU A 235 9.07 -6.32 -15.86
N SER A 236 9.54 -6.87 -14.75
CA SER A 236 9.22 -6.31 -13.43
C SER A 236 9.60 -4.85 -13.29
N TYR A 237 10.81 -4.50 -13.73
CA TYR A 237 11.29 -3.14 -13.54
C TYR A 237 11.12 -2.31 -14.82
N SER A 238 10.24 -2.81 -15.68
CA SER A 238 9.93 -2.15 -16.94
C SER A 238 8.82 -1.10 -16.77
N VAL A 239 9.13 0.14 -17.15
CA VAL A 239 8.17 1.23 -17.06
C VAL A 239 6.96 1.03 -17.99
N LEU A 240 7.18 0.42 -19.15
CA LEU A 240 6.14 0.32 -20.16
C LEU A 240 5.32 -0.97 -20.09
N ARG A 241 5.66 -1.86 -19.16
CA ARG A 241 4.98 -3.14 -19.02
C ARG A 241 3.45 -2.99 -19.10
N SER A 242 2.78 -3.93 -19.75
CA SER A 242 1.34 -3.84 -19.96
C SER A 242 0.50 -4.16 -18.73
N VAL A 243 -0.80 -3.95 -18.85
CA VAL A 243 -1.73 -4.05 -17.72
C VAL A 243 -2.65 -5.28 -17.81
N SER A 244 -2.99 -5.85 -16.66
CA SER A 244 -3.92 -6.95 -16.57
C SER A 244 -5.27 -6.52 -17.12
N PRO A 245 -5.87 -7.36 -17.96
CA PRO A 245 -7.20 -7.05 -18.50
C PRO A 245 -8.22 -6.87 -17.39
N ILE A 246 -8.06 -7.63 -16.31
CA ILE A 246 -8.93 -7.49 -15.16
C ILE A 246 -8.94 -6.05 -14.61
N HIS A 247 -7.77 -5.56 -14.21
CA HIS A 247 -7.63 -4.20 -13.72
C HIS A 247 -8.15 -3.18 -14.74
N CYS A 248 -7.90 -3.43 -16.02
CA CYS A 248 -8.36 -2.53 -17.07
C CYS A 248 -9.88 -2.48 -17.09
N GLU A 249 -10.52 -3.63 -16.89
CA GLU A 249 -11.97 -3.68 -16.88
C GLU A 249 -12.48 -2.94 -15.65
N TYR A 250 -11.79 -3.13 -14.54
CA TYR A 250 -12.13 -2.44 -13.30
C TYR A 250 -12.15 -0.94 -13.55
N LEU A 251 -11.02 -0.43 -14.04
CA LEU A 251 -10.87 1.00 -14.25
C LEU A 251 -11.88 1.58 -15.24
N THR A 252 -12.27 0.82 -16.25
CA THR A 252 -13.25 1.32 -17.21
C THR A 252 -14.67 1.24 -16.63
N ASN A 253 -14.90 0.26 -15.76
CA ASN A 253 -16.17 0.20 -15.04
C ASN A 253 -16.36 1.49 -14.24
N MET A 254 -15.27 1.97 -13.67
CA MET A 254 -15.25 3.22 -12.93
C MET A 254 -15.30 4.42 -13.88
N GLY A 255 -14.81 4.24 -15.09
CA GLY A 255 -14.80 5.32 -16.07
C GLY A 255 -13.44 6.01 -16.14
N VAL A 256 -12.44 5.37 -15.56
CA VAL A 256 -11.07 5.91 -15.55
C VAL A 256 -10.30 5.46 -16.79
N ARG A 257 -9.45 6.34 -17.30
CA ARG A 257 -8.71 6.05 -18.53
C ARG A 257 -7.20 6.13 -18.37
N ALA A 258 -6.75 6.84 -17.34
CA ALA A 258 -5.33 6.90 -17.04
C ALA A 258 -5.09 6.79 -15.54
N SER A 259 -4.01 6.12 -15.18
CA SER A 259 -3.62 5.97 -13.78
C SER A 259 -2.17 6.37 -13.60
N MET A 260 -1.79 6.55 -12.34
CA MET A 260 -0.39 6.74 -11.96
C MET A 260 -0.30 6.65 -10.46
N SER A 261 0.44 5.67 -9.95
CA SER A 261 0.50 5.46 -8.53
C SER A 261 1.90 5.61 -7.97
N ILE A 262 2.01 6.26 -6.81
CA ILE A 262 3.26 6.42 -6.10
C ILE A 262 3.22 5.60 -4.81
N SER A 263 4.21 4.75 -4.60
CA SER A 263 4.18 3.82 -3.47
C SER A 263 4.75 4.42 -2.20
N ILE A 264 4.24 3.96 -1.06
CA ILE A 264 4.87 4.22 0.24
C ILE A 264 5.24 2.89 0.86
N VAL A 265 6.55 2.64 0.96
CA VAL A 265 7.01 1.37 1.51
C VAL A 265 7.75 1.61 2.83
N VAL A 266 7.31 0.91 3.86
CA VAL A 266 8.00 0.94 5.15
C VAL A 266 8.12 -0.51 5.61
N GLY A 267 9.26 -0.84 6.21
CA GLY A 267 9.56 -2.24 6.48
C GLY A 267 9.55 -2.96 5.14
N GLY A 268 9.04 -4.18 5.12
CA GLY A 268 8.89 -4.91 3.87
C GLY A 268 7.48 -4.80 3.35
N LYS A 269 6.74 -3.84 3.90
CA LYS A 269 5.31 -3.75 3.65
C LYS A 269 4.96 -2.61 2.70
N LEU A 270 3.94 -2.84 1.88
CA LEU A 270 3.33 -1.75 1.12
C LEU A 270 2.43 -1.02 2.08
N TRP A 271 2.93 0.09 2.63
CA TRP A 271 2.21 0.83 3.66
C TRP A 271 0.97 1.50 3.11
N GLY A 272 0.98 1.75 1.80
CA GLY A 272 -0.11 2.46 1.14
C GLY A 272 0.46 3.26 -0.01
N LEU A 273 -0.38 3.58 -0.99
CA LEU A 273 0.10 4.35 -2.13
C LEU A 273 -0.80 5.53 -2.45
N PHE A 274 -0.30 6.44 -3.28
CA PHE A 274 -1.14 7.48 -3.86
C PHE A 274 -1.54 7.05 -5.25
N SER A 275 -2.83 7.00 -5.50
CA SER A 275 -3.34 6.59 -6.78
C SER A 275 -3.93 7.80 -7.50
N CYS A 276 -3.37 8.14 -8.65
CA CYS A 276 -3.88 9.22 -9.48
C CYS A 276 -4.72 8.64 -10.61
N HIS A 277 -5.92 9.30 -10.86
CA HIS A 277 -6.82 8.72 -11.84
C HIS A 277 -7.35 9.81 -12.74
N HIS A 278 -7.28 9.66 -14.01
CA HIS A 278 -7.74 10.68 -14.93
C HIS A 278 -8.88 10.09 -15.74
N MET A 279 -9.83 10.92 -16.14
CA MET A 279 -10.99 10.46 -16.89
C MET A 279 -10.73 10.38 -18.39
N SER A 280 -9.74 11.15 -18.85
CA SER A 280 -9.21 11.03 -20.20
C SER A 280 -7.79 10.52 -20.06
N PRO A 281 -7.21 9.97 -21.15
CA PRO A 281 -5.83 9.49 -21.11
C PRO A 281 -4.87 10.62 -20.71
N LYS A 282 -3.77 10.27 -20.07
CA LYS A 282 -2.83 11.28 -19.61
C LYS A 282 -1.42 10.71 -19.45
N LEU A 283 -0.42 11.54 -19.72
CA LEU A 283 0.98 11.12 -19.66
C LEU A 283 1.79 12.02 -18.75
N ILE A 284 2.74 11.42 -18.03
CA ILE A 284 3.67 12.17 -17.20
C ILE A 284 5.11 11.94 -17.65
N PRO A 285 5.78 13.01 -18.10
CA PRO A 285 7.16 12.95 -18.60
C PRO A 285 8.12 12.28 -17.63
N TYR A 286 9.12 11.61 -18.19
CA TYR A 286 10.10 10.87 -17.40
C TYR A 286 10.72 11.67 -16.26
N PRO A 287 11.30 12.84 -16.57
CA PRO A 287 11.97 13.60 -15.51
C PRO A 287 11.04 13.88 -14.34
N VAL A 288 9.77 14.18 -14.63
CA VAL A 288 8.81 14.41 -13.57
C VAL A 288 8.59 13.14 -12.76
N ARG A 289 8.38 12.02 -13.43
CA ARG A 289 8.18 10.75 -12.74
C ARG A 289 9.34 10.47 -11.79
N MET A 290 10.54 10.89 -12.18
CA MET A 290 11.69 10.72 -11.31
C MET A 290 11.59 11.62 -10.07
N SER A 291 10.98 12.80 -10.24
CA SER A 291 10.71 13.66 -9.11
C SER A 291 9.88 12.90 -8.08
N PHE A 292 8.84 12.23 -8.56
CA PHE A 292 7.98 11.42 -7.69
C PHE A 292 8.71 10.20 -7.13
N GLN A 293 9.54 9.56 -7.95
CA GLN A 293 10.28 8.39 -7.50
C GLN A 293 11.12 8.73 -6.26
N ILE A 294 11.92 9.78 -6.35
CA ILE A 294 12.72 10.20 -5.19
C ILE A 294 11.80 10.62 -4.05
N PHE A 295 10.74 11.35 -4.37
CA PHE A 295 9.75 11.72 -3.37
C PHE A 295 9.26 10.49 -2.63
N SER A 296 8.86 9.48 -3.39
CA SER A 296 8.37 8.24 -2.82
C SER A 296 9.31 7.73 -1.73
N GLN A 297 10.61 7.79 -1.98
CA GLN A 297 11.59 7.28 -1.02
C GLN A 297 11.66 8.10 0.25
N VAL A 298 11.56 9.43 0.11
CA VAL A 298 11.64 10.31 1.27
C VAL A 298 10.34 10.28 2.07
N CYS A 299 9.22 10.40 1.38
CA CYS A 299 7.92 10.30 2.02
C CYS A 299 7.85 9.02 2.84
N SER A 300 8.20 7.90 2.23
CA SER A 300 8.25 6.62 2.94
C SER A 300 9.05 6.74 4.23
N ALA A 301 10.17 7.44 4.16
CA ALA A 301 11.01 7.61 5.34
C ALA A 301 10.32 8.45 6.41
N ILE A 302 9.70 9.54 6.02
CA ILE A 302 9.04 10.42 6.97
C ILE A 302 7.80 9.78 7.60
N VAL A 303 7.00 9.11 6.77
CA VAL A 303 5.84 8.39 7.29
C VAL A 303 6.27 7.38 8.34
N GLU A 304 7.40 6.72 8.08
CA GLU A 304 7.91 5.75 9.03
C GLU A 304 8.16 6.39 10.39
N ARG A 305 8.82 7.54 10.39
CA ARG A 305 9.15 8.21 11.64
C ARG A 305 7.89 8.74 12.29
N LEU A 306 7.05 9.43 11.52
CA LEU A 306 5.81 9.96 12.03
C LEU A 306 4.98 8.87 12.71
N GLU A 307 4.97 7.67 12.14
CA GLU A 307 4.24 6.56 12.73
C GLU A 307 4.84 6.14 14.06
N GLN A 308 6.17 6.06 14.12
CA GLN A 308 6.80 5.65 15.36
C GLN A 308 6.83 6.80 16.37
N GLY A 309 6.61 8.01 15.90
CA GLY A 309 6.47 9.15 16.79
C GLY A 309 5.11 9.06 17.44
N ARG A 310 4.14 8.56 16.66
CA ARG A 310 2.79 8.35 17.14
C ARG A 310 2.75 7.29 18.24
N ILE A 311 3.37 6.14 17.99
CA ILE A 311 3.39 5.08 18.99
C ILE A 311 4.12 5.55 20.24
N ALA A 312 5.16 6.36 20.05
CA ALA A 312 5.91 6.90 21.18
C ALA A 312 5.01 7.64 22.15
N GLU A 313 4.21 8.56 21.63
CA GLU A 313 3.28 9.33 22.44
C GLU A 313 2.24 8.44 23.11
N LEU A 314 1.79 7.40 22.40
CA LEU A 314 0.86 6.45 22.99
C LEU A 314 1.47 5.82 24.22
N LEU A 315 2.71 5.37 24.09
CA LEU A 315 3.42 4.76 25.20
C LEU A 315 3.61 5.76 26.34
N ARG A 316 3.91 7.00 25.99
CA ARG A 316 4.13 8.02 27.01
C ARG A 316 2.90 8.26 27.87
N VAL A 317 1.75 8.52 27.25
CA VAL A 317 0.54 8.78 28.02
C VAL A 317 0.06 7.52 28.75
N SER A 318 0.46 6.35 28.25
CA SER A 318 0.09 5.10 28.91
C SER A 318 0.83 4.98 30.23
N THR A 319 2.13 5.25 30.22
CA THR A 319 2.92 5.16 31.43
C THR A 319 2.46 6.24 32.42
N GLU A 320 2.21 7.43 31.89
CA GLU A 320 1.68 8.53 32.67
C GLU A 320 0.42 8.09 33.41
N ARG A 321 -0.37 7.25 32.75
CA ARG A 321 -1.58 6.69 33.36
C ARG A 321 -1.26 5.54 34.29
N ARG A 322 -0.19 4.81 33.99
CA ARG A 322 0.25 3.75 34.90
C ARG A 322 0.79 4.39 36.17
N LEU A 323 1.35 5.58 36.00
CA LEU A 323 1.85 6.36 37.12
C LEU A 323 0.67 6.80 37.98
N ALA A 324 -0.31 7.43 37.35
CA ALA A 324 -1.52 7.87 38.04
C ALA A 324 -2.16 6.69 38.75
N LEU A 325 -2.14 5.53 38.10
CA LEU A 325 -2.75 4.32 38.64
C LEU A 325 -1.98 3.83 39.86
N ALA A 326 -0.66 3.79 39.75
CA ALA A 326 0.18 3.37 40.87
C ALA A 326 -0.03 4.30 42.06
N ARG A 327 -0.01 5.60 41.79
CA ARG A 327 -0.25 6.62 42.80
C ARG A 327 -1.52 6.35 43.59
N ARG A 328 -2.66 6.28 42.88
CA ARG A 328 -3.95 6.04 43.51
C ARG A 328 -4.02 4.73 44.27
N ALA A 329 -3.66 3.64 43.59
CA ALA A 329 -3.84 2.30 44.14
C ALA A 329 -3.26 2.13 45.54
N ARG A 330 -2.06 2.64 45.77
CA ARG A 330 -1.39 2.45 47.05
C ARG A 330 -2.03 3.33 48.14
N ASP A 331 -2.52 4.49 47.74
CA ASP A 331 -3.09 5.45 48.70
C ASP A 331 -4.56 5.18 49.02
N ALA A 332 -5.32 4.70 48.04
CA ALA A 332 -6.73 4.38 48.24
C ALA A 332 -6.92 2.94 48.73
N ASP A 333 -6.04 2.06 48.26
CA ASP A 333 -5.96 0.66 48.69
C ASP A 333 -7.01 -0.30 48.11
N ASP A 334 -7.99 0.22 47.40
CA ASP A 334 -8.78 -0.62 46.50
C ASP A 334 -8.31 -0.37 45.08
N LEU A 335 -7.98 -1.44 44.36
CA LEU A 335 -7.55 -1.32 42.98
C LEU A 335 -8.75 -1.01 42.09
N PHE A 336 -9.88 -1.65 42.39
CA PHE A 336 -11.10 -1.47 41.61
C PHE A 336 -11.44 0.00 41.32
N GLY A 337 -11.34 0.84 42.34
CA GLY A 337 -11.63 2.24 42.17
C GLY A 337 -10.64 2.92 41.24
N ALA A 338 -9.36 2.57 41.39
CA ALA A 338 -8.31 3.09 40.52
C ALA A 338 -8.53 2.64 39.08
N LEU A 339 -8.67 1.32 38.88
CA LEU A 339 -8.80 0.76 37.54
C LEU A 339 -10.05 1.24 36.83
N ALA A 340 -11.12 1.47 37.58
CA ALA A 340 -12.41 1.83 36.99
C ALA A 340 -12.56 3.34 36.87
N HIS A 341 -11.48 4.06 37.17
CA HIS A 341 -11.49 5.50 37.03
C HIS A 341 -11.96 5.85 35.62
N PRO A 342 -12.83 6.86 35.50
CA PRO A 342 -13.42 7.17 34.19
C PRO A 342 -12.39 7.51 33.10
N ASP A 343 -11.35 8.27 33.44
CA ASP A 343 -10.46 8.81 32.40
C ASP A 343 -9.06 8.17 32.32
N ASP A 344 -8.49 7.84 33.48
CA ASP A 344 -7.20 7.17 33.49
C ASP A 344 -7.44 5.68 33.69
N GLY A 345 -8.71 5.31 33.75
CA GLY A 345 -9.08 3.92 33.95
C GLY A 345 -8.55 3.03 32.85
N ILE A 346 -8.63 1.72 33.06
CA ILE A 346 -8.15 0.77 32.07
C ILE A 346 -8.91 0.89 30.76
N ALA A 347 -10.18 1.26 30.83
CA ALA A 347 -10.98 1.45 29.61
C ALA A 347 -10.39 2.54 28.74
N ALA A 348 -9.57 3.41 29.34
CA ALA A 348 -8.91 4.47 28.59
C ALA A 348 -7.48 4.08 28.22
N LEU A 349 -6.94 3.05 28.87
CA LEU A 349 -5.57 2.62 28.60
C LEU A 349 -5.37 2.17 27.16
N ILE A 350 -6.27 1.30 26.70
CA ILE A 350 -6.22 0.71 25.38
C ILE A 350 -7.57 0.90 24.71
N PRO A 351 -7.59 1.37 23.45
CA PRO A 351 -8.86 1.51 22.75
C PRO A 351 -9.70 0.25 22.86
N CYS A 352 -10.90 0.38 23.42
CA CYS A 352 -11.80 -0.75 23.59
C CYS A 352 -13.24 -0.26 23.66
N ASP A 353 -14.18 -1.20 23.57
CA ASP A 353 -15.59 -0.89 23.72
C ASP A 353 -16.06 -1.31 25.11
N GLY A 354 -15.14 -1.83 25.91
CA GLY A 354 -15.44 -2.27 27.26
C GLY A 354 -14.23 -2.85 27.97
N ALA A 355 -14.36 -3.05 29.28
CA ALA A 355 -13.31 -3.63 30.09
C ALA A 355 -13.88 -4.35 31.30
N LEU A 356 -13.08 -5.19 31.93
CA LEU A 356 -13.51 -6.01 33.04
C LEU A 356 -12.33 -6.13 33.99
N VAL A 357 -12.57 -5.92 35.28
CA VAL A 357 -11.54 -6.13 36.29
C VAL A 357 -12.02 -7.24 37.20
N MET A 358 -11.12 -8.14 37.58
CA MET A 358 -11.54 -9.35 38.25
C MET A 358 -10.46 -9.90 39.19
N LEU A 359 -10.58 -9.55 40.45
CA LEU A 359 -9.68 -10.07 41.49
C LEU A 359 -10.52 -10.64 42.62
N GLY A 360 -10.01 -11.68 43.27
CA GLY A 360 -10.79 -12.37 44.28
C GLY A 360 -11.98 -13.05 43.64
N GLY A 361 -13.18 -12.71 44.10
CA GLY A 361 -14.39 -13.23 43.49
C GLY A 361 -15.20 -12.11 42.88
N ARG A 362 -14.74 -10.88 43.06
CA ARG A 362 -15.49 -9.72 42.63
C ARG A 362 -15.22 -9.36 41.16
N THR A 363 -16.23 -8.84 40.49
CA THR A 363 -16.15 -8.55 39.07
C THR A 363 -16.67 -7.16 38.77
N LEU A 364 -15.82 -6.34 38.15
CA LEU A 364 -16.22 -5.01 37.73
C LEU A 364 -16.26 -4.93 36.21
N SER A 365 -17.47 -4.93 35.64
CA SER A 365 -17.64 -4.69 34.21
C SER A 365 -17.85 -3.21 34.00
N ILE A 366 -16.96 -2.59 33.22
CA ILE A 366 -17.10 -1.17 32.94
C ILE A 366 -17.46 -0.92 31.48
N ARG A 367 -18.59 -0.23 31.28
CA ARG A 367 -19.16 0.05 29.97
C ARG A 367 -19.93 -1.11 29.38
N GLY A 368 -20.50 -1.96 30.23
CA GLY A 368 -21.38 -3.01 29.74
C GLY A 368 -21.35 -4.29 30.54
N ASP A 369 -22.20 -5.23 30.16
CA ASP A 369 -22.29 -6.50 30.85
C ASP A 369 -21.35 -7.52 30.18
N PHE A 370 -20.15 -7.68 30.74
CA PHE A 370 -19.12 -8.54 30.16
C PHE A 370 -18.80 -9.77 31.02
N GLU A 371 -19.51 -9.93 32.12
CA GLU A 371 -19.23 -11.02 33.05
C GLU A 371 -19.35 -12.40 32.42
N ARG A 372 -20.36 -12.60 31.57
CA ARG A 372 -20.56 -13.89 30.92
C ARG A 372 -19.41 -14.23 29.98
N GLN A 373 -19.06 -13.29 29.11
CA GLN A 373 -17.94 -13.47 28.19
C GLN A 373 -16.66 -13.84 28.94
N ALA A 374 -16.25 -12.98 29.88
CA ALA A 374 -15.04 -13.21 30.67
C ALA A 374 -15.04 -14.61 31.28
N GLY A 375 -16.22 -15.09 31.65
CA GLY A 375 -16.34 -16.41 32.25
C GLY A 375 -16.01 -17.47 31.22
N ASN A 376 -16.59 -17.33 30.03
CA ASN A 376 -16.35 -18.25 28.93
C ASN A 376 -14.90 -18.22 28.46
N VAL A 377 -14.38 -17.01 28.26
CA VAL A 377 -12.98 -16.84 27.89
C VAL A 377 -12.10 -17.56 28.89
N LEU A 378 -12.36 -17.33 30.18
CA LEU A 378 -11.57 -17.93 31.24
C LEU A 378 -11.67 -19.45 31.21
N GLN A 379 -12.86 -19.96 30.89
CA GLN A 379 -13.05 -21.40 30.80
C GLN A 379 -12.24 -21.96 29.65
N ARG A 380 -12.18 -21.23 28.55
CA ARG A 380 -11.41 -21.69 27.41
C ARG A 380 -9.96 -21.84 27.81
N LEU A 381 -9.46 -20.90 28.60
CA LEU A 381 -8.08 -20.93 29.07
C LEU A 381 -7.83 -22.00 30.12
N GLN A 382 -8.88 -22.72 30.50
CA GLN A 382 -8.74 -23.83 31.43
C GLN A 382 -7.70 -24.81 30.93
N ARG A 383 -7.79 -25.13 29.64
CA ARG A 383 -6.88 -26.08 29.01
C ARG A 383 -5.46 -25.54 28.91
N ASP A 384 -5.29 -24.25 29.17
CA ASP A 384 -3.99 -23.62 29.01
C ASP A 384 -3.61 -22.80 30.24
N PRO A 385 -3.26 -23.49 31.33
CA PRO A 385 -2.97 -22.85 32.61
C PRO A 385 -1.77 -21.90 32.60
N GLU A 386 -0.91 -22.03 31.58
CA GLU A 386 0.35 -21.29 31.59
C GLU A 386 0.24 -19.92 30.92
N ARG A 387 -0.84 -19.71 30.16
CA ARG A 387 -1.12 -18.44 29.47
C ARG A 387 -1.34 -17.24 30.40
N ASP A 388 -0.42 -16.29 30.41
CA ASP A 388 -0.62 -15.05 31.16
C ASP A 388 -1.24 -13.97 30.29
N ILE A 389 -1.20 -14.17 28.98
CA ILE A 389 -1.84 -13.24 28.03
C ILE A 389 -2.64 -14.00 27.00
N TYR A 390 -3.84 -13.51 26.72
CA TYR A 390 -4.70 -14.08 25.69
C TYR A 390 -5.29 -12.96 24.88
N HIS A 391 -5.39 -13.15 23.58
CA HIS A 391 -6.08 -12.20 22.74
C HIS A 391 -6.53 -12.82 21.43
N THR A 392 -7.57 -12.24 20.85
CA THR A 392 -8.16 -12.77 19.63
C THR A 392 -9.15 -11.74 19.08
N ASP A 393 -9.36 -11.76 17.77
CA ASP A 393 -10.39 -10.92 17.16
C ASP A 393 -11.52 -11.77 16.59
N ASN A 394 -11.40 -13.08 16.75
CA ASN A 394 -12.49 -14.01 16.46
C ASN A 394 -13.09 -14.52 17.75
N TRP A 395 -14.41 -14.57 17.83
CA TRP A 395 -15.07 -15.14 18.99
C TRP A 395 -16.57 -15.35 18.75
N GLY A 406 -20.03 -15.78 23.54
CA GLY A 406 -20.15 -14.40 24.00
C GLY A 406 -20.84 -13.55 22.95
N ASP A 407 -20.50 -12.25 22.90
CA ASP A 407 -21.07 -11.36 21.89
C ASP A 407 -20.09 -10.31 21.38
N CYS A 408 -18.91 -10.24 21.99
CA CYS A 408 -17.86 -9.36 21.51
C CYS A 408 -16.79 -10.18 20.79
N CYS A 409 -16.42 -9.76 19.58
CA CYS A 409 -15.45 -10.51 18.78
C CYS A 409 -14.04 -10.40 19.34
N GLY A 410 -13.65 -9.20 19.78
CA GLY A 410 -12.30 -8.95 20.23
C GLY A 410 -12.11 -9.10 21.73
N VAL A 411 -11.04 -9.79 22.11
CA VAL A 411 -10.74 -10.02 23.52
C VAL A 411 -9.24 -9.93 23.78
N LEU A 412 -8.86 -9.15 24.78
CA LEU A 412 -7.48 -9.09 25.26
C LEU A 412 -7.52 -9.29 26.76
N ALA A 413 -6.96 -10.40 27.22
CA ALA A 413 -6.98 -10.72 28.64
C ALA A 413 -5.55 -10.93 29.16
N ILE A 414 -5.27 -10.37 30.34
CA ILE A 414 -3.99 -10.60 31.00
C ILE A 414 -4.20 -11.03 32.44
N ARG A 415 -3.30 -11.86 32.94
CA ARG A 415 -3.40 -12.36 34.32
C ARG A 415 -2.32 -11.75 35.20
N PHE A 416 -2.72 -11.10 36.29
CA PHE A 416 -1.75 -10.46 37.17
C PHE A 416 -1.68 -11.11 38.55
N HIS A 417 -2.69 -11.91 38.87
CA HIS A 417 -2.64 -12.72 40.09
C HIS A 417 -3.25 -14.09 39.81
N ARG A 418 -2.46 -15.14 40.06
CA ARG A 418 -2.91 -16.49 39.76
C ARG A 418 -3.91 -17.02 40.78
N GLN A 419 -3.46 -17.15 42.02
CA GLN A 419 -4.26 -17.77 43.07
C GLN A 419 -5.65 -17.14 43.22
N GLU A 420 -5.70 -15.81 43.23
CA GLU A 420 -6.95 -15.09 43.41
C GLU A 420 -7.55 -14.65 42.07
N SER A 421 -7.08 -15.27 41.00
CA SER A 421 -7.60 -14.99 39.67
C SER A 421 -7.75 -13.50 39.41
N GLY A 422 -6.65 -12.77 39.54
CA GLY A 422 -6.61 -11.38 39.10
C GLY A 422 -6.49 -11.32 37.59
N TRP A 423 -7.57 -10.90 36.93
CA TRP A 423 -7.61 -10.82 35.48
C TRP A 423 -8.07 -9.45 35.01
N ILE A 424 -7.59 -9.05 33.85
CA ILE A 424 -8.09 -7.84 33.20
C ILE A 424 -8.47 -8.17 31.77
N PHE A 425 -9.61 -7.65 31.34
CA PHE A 425 -10.10 -7.90 29.99
C PHE A 425 -10.40 -6.58 29.31
N TRP A 426 -10.10 -6.52 28.01
CA TRP A 426 -10.60 -5.46 27.15
C TRP A 426 -11.39 -6.12 26.04
N PHE A 427 -12.48 -5.48 25.63
CA PHE A 427 -13.32 -6.04 24.60
C PHE A 427 -13.49 -5.10 23.41
N ARG A 428 -13.67 -5.68 22.23
CA ARG A 428 -14.00 -4.90 21.05
C ARG A 428 -15.15 -5.56 20.31
N HIS A 429 -16.03 -4.73 19.77
CA HIS A 429 -17.13 -5.20 18.95
C HIS A 429 -16.60 -5.53 17.56
N GLU A 430 -17.51 -5.88 16.68
CA GLU A 430 -17.17 -6.19 15.29
C GLU A 430 -16.78 -4.89 14.60
N GLU A 431 -15.79 -4.95 13.71
CA GLU A 431 -15.34 -3.77 12.99
C GLU A 431 -16.49 -3.24 12.14
N VAL A 432 -16.70 -1.93 12.16
CA VAL A 432 -17.77 -1.32 11.37
C VAL A 432 -17.22 -0.34 10.35
N HIS A 433 -17.82 -0.34 9.16
CA HIS A 433 -17.48 0.66 8.16
C HIS A 433 -17.65 2.04 8.77
N ARG A 434 -16.54 2.74 9.01
CA ARG A 434 -16.57 4.00 9.74
C ARG A 434 -17.36 5.08 9.01
N ILE A 435 -16.98 5.32 7.75
CA ILE A 435 -17.64 6.30 6.91
C ILE A 435 -18.41 5.58 5.81
N ARG A 436 -19.69 5.93 5.63
CA ARG A 436 -20.45 5.31 4.55
C ARG A 436 -21.35 6.30 3.82
N TRP A 437 -21.28 6.25 2.49
CA TRP A 437 -22.08 7.13 1.65
C TRP A 437 -23.46 6.53 1.37
N GLY A 438 -24.38 7.38 0.94
CA GLY A 438 -25.75 7.01 0.63
C GLY A 438 -26.47 8.29 0.32
N GLY A 439 -27.80 8.24 0.19
CA GLY A 439 -28.57 9.46 0.08
C GLY A 439 -29.27 9.66 -1.26
N LYS A 440 -28.51 9.57 -2.34
CA LYS A 440 -29.07 9.66 -3.67
C LYS A 440 -28.37 8.65 -4.54
N PRO A 441 -29.13 7.75 -5.18
CA PRO A 441 -28.48 6.76 -6.04
C PRO A 441 -27.45 7.47 -6.87
N GLU A 442 -26.22 6.99 -6.83
CA GLU A 442 -25.20 7.57 -7.69
C GLU A 442 -25.32 6.94 -9.08
N LYS A 443 -24.56 7.44 -10.05
CA LYS A 443 -24.79 7.08 -11.45
C LYS A 443 -24.62 5.59 -11.73
N LEU A 444 -25.15 5.15 -12.87
CA LEU A 444 -25.01 3.75 -13.28
C LEU A 444 -23.65 3.55 -13.94
N LEU A 445 -22.87 2.62 -13.40
CA LEU A 445 -21.62 2.25 -14.03
C LEU A 445 -21.93 1.22 -15.10
N THR A 446 -21.36 1.38 -16.29
CA THR A 446 -21.52 0.37 -17.33
C THR A 446 -20.56 -0.77 -17.03
N ILE A 447 -21.10 -1.96 -16.81
CA ILE A 447 -20.34 -3.05 -16.20
C ILE A 447 -19.88 -4.13 -17.18
N GLY A 448 -18.57 -4.37 -17.21
CA GLY A 448 -17.98 -5.32 -18.13
C GLY A 448 -18.43 -6.75 -17.91
N PRO A 449 -17.96 -7.66 -18.78
CA PRO A 449 -18.33 -9.08 -18.81
C PRO A 449 -18.00 -9.86 -17.53
N SER A 450 -16.92 -9.50 -16.83
CA SER A 450 -16.52 -10.23 -15.63
C SER A 450 -17.56 -10.17 -14.52
N GLY A 451 -18.32 -9.07 -14.48
CA GLY A 451 -19.38 -8.93 -13.51
C GLY A 451 -19.15 -7.80 -12.54
N PRO A 452 -20.14 -7.53 -11.67
CA PRO A 452 -20.11 -6.44 -10.70
C PRO A 452 -18.97 -6.54 -9.68
N ARG A 453 -18.33 -7.69 -9.56
CA ARG A 453 -17.22 -7.84 -8.62
C ARG A 453 -16.13 -6.79 -8.84
N LEU A 454 -15.97 -6.35 -10.08
CA LEU A 454 -14.91 -5.41 -10.41
C LEU A 454 -15.35 -3.96 -10.32
N THR A 455 -16.38 -3.70 -9.51
CA THR A 455 -16.77 -2.33 -9.19
C THR A 455 -16.38 -2.06 -7.74
N PRO A 456 -16.20 -0.79 -7.39
CA PRO A 456 -15.93 -0.41 -6.00
C PRO A 456 -16.98 -0.97 -5.06
N ARG A 457 -18.24 -0.93 -5.47
CA ARG A 457 -19.34 -1.46 -4.66
C ARG A 457 -19.16 -2.94 -4.39
N GLY A 458 -18.70 -3.67 -5.41
CA GLY A 458 -18.47 -5.10 -5.28
C GLY A 458 -17.25 -5.39 -4.42
N SER A 459 -16.27 -4.51 -4.51
CA SER A 459 -15.06 -4.63 -3.70
C SER A 459 -15.40 -4.47 -2.24
N PHE A 460 -16.18 -3.43 -1.94
CA PHE A 460 -16.58 -3.18 -0.57
C PHE A 460 -17.27 -4.40 0.01
N GLU A 461 -18.23 -4.94 -0.74
CA GLU A 461 -18.95 -6.13 -0.30
C GLU A 461 -17.99 -7.29 -0.06
N ALA A 462 -16.98 -7.40 -0.94
CA ALA A 462 -15.97 -8.44 -0.79
C ALA A 462 -15.26 -8.25 0.54
N TRP A 463 -15.07 -7.00 0.93
CA TRP A 463 -14.38 -6.68 2.17
C TRP A 463 -15.23 -7.01 3.39
N GLU A 464 -16.51 -6.64 3.35
CA GLU A 464 -17.42 -6.97 4.43
C GLU A 464 -17.32 -8.45 4.77
N GLU A 465 -17.48 -9.29 3.75
CA GLU A 465 -17.49 -10.72 3.96
C GLU A 465 -16.22 -11.21 4.64
N VAL A 466 -15.13 -10.47 4.43
CA VAL A 466 -13.86 -10.80 5.08
C VAL A 466 -13.84 -10.40 6.54
N VAL A 467 -14.16 -9.13 6.83
CA VAL A 467 -14.04 -8.61 8.19
C VAL A 467 -15.13 -9.05 9.15
N ARG A 468 -16.38 -9.15 8.68
CA ARG A 468 -17.47 -9.49 9.59
C ARG A 468 -17.13 -10.74 10.40
N GLY A 469 -17.43 -10.68 11.69
CA GLY A 469 -17.01 -11.71 12.62
C GLY A 469 -15.68 -11.35 13.25
N HIS A 470 -15.12 -10.23 12.82
CA HIS A 470 -13.81 -9.80 13.29
C HIS A 470 -13.87 -8.43 13.95
N SER A 471 -13.17 -8.29 15.07
CA SER A 471 -12.95 -6.99 15.66
C SER A 471 -11.65 -6.46 15.10
N THR A 472 -11.37 -5.19 15.32
CA THR A 472 -10.10 -4.60 14.90
C THR A 472 -8.95 -5.24 15.67
N PRO A 473 -7.90 -5.67 14.95
CA PRO A 473 -6.79 -6.36 15.61
C PRO A 473 -6.17 -5.51 16.71
N TRP A 474 -5.55 -6.17 17.67
CA TRP A 474 -4.86 -5.50 18.76
C TRP A 474 -3.52 -4.97 18.27
N SER A 475 -3.29 -3.68 18.48
CA SER A 475 -2.05 -3.04 18.06
C SER A 475 -0.85 -3.79 18.59
N GLU A 476 0.26 -3.65 17.88
CA GLU A 476 1.56 -3.97 18.44
C GLU A 476 1.61 -3.24 19.78
N THR A 477 1.22 -1.97 19.74
CA THR A 477 1.27 -1.08 20.89
C THR A 477 0.30 -1.51 21.99
N ASP A 478 -0.94 -1.83 21.60
CA ASP A 478 -1.95 -2.23 22.57
C ASP A 478 -1.43 -3.35 23.46
N LEU A 479 -0.80 -4.36 22.85
CA LEU A 479 -0.28 -5.49 23.60
C LEU A 479 0.88 -5.08 24.51
N ALA A 480 1.71 -4.17 24.03
CA ALA A 480 2.83 -3.70 24.84
C ALA A 480 2.31 -3.05 26.12
N ILE A 481 1.29 -2.22 25.97
CA ILE A 481 0.69 -1.55 27.12
C ILE A 481 0.12 -2.58 28.10
N ALA A 482 -0.70 -3.49 27.59
CA ALA A 482 -1.25 -4.53 28.43
C ALA A 482 -0.14 -5.23 29.22
N GLU A 483 0.96 -5.54 28.53
CA GLU A 483 2.07 -6.22 29.18
C GLU A 483 2.65 -5.38 30.32
N LYS A 484 2.75 -4.06 30.12
CA LYS A 484 3.30 -3.19 31.16
C LYS A 484 2.33 -3.12 32.34
N LEU A 485 1.04 -2.98 32.04
CA LEU A 485 0.03 -2.97 33.07
C LEU A 485 0.16 -4.22 33.91
N ARG A 486 0.19 -5.38 33.26
CA ARG A 486 0.29 -6.65 33.94
C ARG A 486 1.46 -6.68 34.93
N LEU A 487 2.62 -6.21 34.49
CA LEU A 487 3.77 -6.13 35.39
C LEU A 487 3.47 -5.27 36.60
N ASP A 488 2.85 -4.12 36.36
CA ASP A 488 2.48 -3.20 37.44
C ASP A 488 1.71 -3.90 38.54
N LEU A 489 0.58 -4.50 38.16
CA LEU A 489 -0.31 -5.12 39.11
C LEU A 489 0.32 -6.30 39.84
N MET A 490 1.12 -7.10 39.13
CA MET A 490 1.86 -8.16 39.80
C MET A 490 2.67 -7.56 40.92
N GLU A 491 3.44 -6.52 40.59
CA GLU A 491 4.24 -5.80 41.57
C GLU A 491 3.37 -5.41 42.76
N LEU A 492 2.25 -4.73 42.49
CA LEU A 492 1.35 -4.30 43.55
C LEU A 492 0.90 -5.44 44.45
N CYS A 493 0.18 -6.40 43.86
CA CYS A 493 -0.36 -7.53 44.61
C CYS A 493 0.69 -8.23 45.49
N LEU A 494 1.87 -8.51 44.91
CA LEU A 494 2.95 -9.15 45.65
C LEU A 494 3.48 -8.23 46.75
N ASN A 495 3.67 -6.96 46.41
CA ASN A 495 4.29 -6.00 47.31
C ASN A 495 3.52 -5.76 48.61
N HIS A 496 2.23 -5.49 48.51
CA HIS A 496 1.39 -5.20 49.67
C HIS A 496 -0.07 -5.56 49.46
CHA BLA B . -4.43 -2.78 -8.50
NA BLA B . -6.56 -2.39 -7.30
C1A BLA B . -5.56 -2.06 -8.12
C2A BLA B . -5.76 -0.78 -8.59
C3A BLA B . -6.95 -0.36 -8.01
C4A BLA B . -7.42 -1.39 -7.22
CMA BLA B . -7.62 1.01 -8.22
CAA BLA B . -4.87 0.01 -9.56
CBA BLA B . -3.44 0.22 -9.01
CGA BLA B . -3.17 1.65 -8.54
O1A BLA B . -1.98 2.03 -8.54
O2A BLA B . -4.14 2.32 -8.14
CHB BLA B . -8.72 -1.34 -6.33
NB BLA B . -8.16 0.61 -4.76
C1B BLA B . -9.05 -0.21 -5.35
C2B BLA B . -10.32 0.17 -4.92
C3B BLA B . -10.18 1.23 -4.06
C4B BLA B . -8.82 1.47 -3.97
CMB BLA B . -11.65 -0.48 -5.35
OB BLA B . -8.30 2.36 -3.29
CAB BLA B . -11.19 1.92 -3.40
CBB BLA B . -10.89 3.01 -2.59
NC BLA B . -8.16 -6.26 -8.50
C1C BLA B . -9.32 -6.57 -7.92
C2C BLA B . -9.35 -7.93 -7.67
C3C BLA B . -8.14 -8.45 -8.11
C4C BLA B . -7.44 -7.37 -8.61
CMC BLA B . -10.52 -8.65 -7.02
OC BLA B . -10.23 -5.78 -7.65
CAC BLA B . -7.59 -9.89 -8.09
CBC BLA B . -8.58 -10.95 -8.55
CHD BLA B . -6.05 -7.50 -9.21
ND BLA B . -5.61 -5.00 -8.66
C1D BLA B . -5.26 -6.19 -9.17
C2D BLA B . -3.99 -6.07 -9.67
C3D BLA B . -3.56 -4.78 -9.46
C4D BLA B . -4.59 -4.12 -8.83
CMD BLA B . -3.21 -7.19 -10.34
CAD BLA B . -2.21 -4.22 -9.89
CBD BLA B . -2.47 -3.17 -10.96
CGD BLA B . -1.19 -2.80 -11.68
O1D BLA B . -0.58 -3.73 -12.25
O2D BLA B . -0.82 -1.61 -11.60
#